data_8YYQ
#
_entry.id   8YYQ
#
_cell.length_a   67.574
_cell.length_b   67.574
_cell.length_c   196.846
_cell.angle_alpha   90.000
_cell.angle_beta   90.000
_cell.angle_gamma   120.000
#
_symmetry.space_group_name_H-M   'P 31 2 1'
#
loop_
_entity.id
_entity.type
_entity.pdbx_description
1 polymer 'Putative ATP-dependent b-aminoacyl-ACP synthetase'
2 non-polymer '[(2~{R},3~{S},4~{R},5~{R})-5-(6-aminopurin-9-yl)-3,4-bis(oxidanyl)oxolan-2-yl]methyl ~{N}-[(3~{S})-3-azanyl-3-(3-cyanophenyl)propanoyl]sulfamate'
3 water water
#
_entity_poly.entity_id   1
_entity_poly.type   'polypeptide(L)'
_entity_poly.pdbx_seq_one_letter_code
;MNHKVHHHHHHIEGRHMRVISNGRRAARARESVDNLYWFMLAAANSAPDTPAFVTRDGEGGVRTLSYRELRTRVDDFAAA
LAELGLDVDDRVVLEANVTPDAVAMLLACSLLGLPFIPVSPETPSGRLRSILDTAEPALFAQAEDGGRADVPATVGTARF
GAGGLRVERAPRARVRHRREIVGTDTAYIIFTSGTTGRPKGVVMSHRSVVSLYRAILEQGLITPEDRIATTSPLQFDFAL
FDIGLALGTGAALVPVPREELNWPRRFLAFLGDTGATQVHGVPSIWRPVLRHEPELLAGLDRVRGILFTGEDFPLPELRH
LQGLLPHARIVNGYGATESMACSLTEVPRPIPSDLERLSIGFPLPGFDVSLLDEHGRPVEEIGVAGQIHLRAPSMFSGYW
DDPEATARVLVSDPLDPRSGRTVLRSGDLAYRGEDGELYFAGRVDAQVQIRGNRVEPGEVERRLLEFPGISAAVALLVPR
PGNDPVNHAFVVVEPGGADFDKAKARAFCADTLPGYMIPANIVAVDDIPLTVNGKVDRADLATRVAGPF
;
_entity_poly.pdbx_strand_id   A
#
# COMPACT_ATOMS: atom_id res chain seq x y z
N ARG A 25 20.52 -22.55 17.20
CA ARG A 25 20.30 -23.45 16.00
C ARG A 25 19.56 -22.74 14.83
N ALA A 26 18.68 -21.77 15.11
CA ALA A 26 17.96 -21.03 14.05
C ALA A 26 18.95 -20.11 13.33
N ALA A 27 18.93 -20.08 12.00
CA ALA A 27 19.62 -19.00 11.25
C ALA A 27 18.98 -17.65 11.60
N ARG A 28 19.79 -16.61 11.74
CA ARG A 28 19.38 -15.21 12.03
C ARG A 28 20.08 -14.36 10.96
N ALA A 29 19.41 -13.32 10.46
CA ALA A 29 19.94 -12.45 9.39
C ALA A 29 21.13 -11.66 9.96
N ARG A 30 22.20 -11.60 9.20
CA ARG A 30 23.37 -10.79 9.66
C ARG A 30 23.07 -9.33 9.39
N GLU A 31 23.68 -8.48 10.21
CA GLU A 31 23.41 -7.03 10.24
C GLU A 31 23.78 -6.41 8.88
N SER A 32 24.79 -6.95 8.20
CA SER A 32 25.32 -6.43 6.92
C SER A 32 24.44 -6.85 5.73
N VAL A 33 23.50 -7.76 5.91
CA VAL A 33 22.70 -8.33 4.79
C VAL A 33 21.32 -7.66 4.82
N ASP A 34 20.86 -7.12 3.68
CA ASP A 34 19.54 -6.44 3.61
C ASP A 34 18.47 -7.30 4.31
N ASN A 35 17.79 -6.73 5.30
CA ASN A 35 16.79 -7.44 6.12
C ASN A 35 15.96 -6.42 6.90
N LEU A 36 14.64 -6.58 6.87
CA LEU A 36 13.68 -5.64 7.49
C LEU A 36 14.01 -5.47 8.97
N TYR A 37 14.43 -6.52 9.69
CA TYR A 37 14.74 -6.40 11.13
C TYR A 37 15.76 -5.26 11.35
N TRP A 38 16.95 -5.38 10.78
CA TRP A 38 18.06 -4.41 10.98
C TRP A 38 17.67 -3.04 10.41
N PHE A 39 16.99 -3.01 9.26
CA PHE A 39 16.59 -1.74 8.60
C PHE A 39 15.59 -0.98 9.51
N MET A 40 14.53 -1.65 9.99
CA MET A 40 13.47 -0.92 10.73
C MET A 40 13.93 -0.65 12.16
N LEU A 41 14.92 -1.38 12.73
CA LEU A 41 15.26 -1.23 14.17
C LEU A 41 16.61 -0.54 14.38
N ALA A 42 17.26 0.03 13.35
CA ALA A 42 18.51 0.82 13.50
C ALA A 42 18.32 1.98 14.51
N ALA A 43 17.15 2.62 14.53
CA ALA A 43 16.85 3.72 15.48
C ALA A 43 16.82 3.23 16.94
N ALA A 44 16.62 1.94 17.24
CA ALA A 44 16.74 1.43 18.62
C ALA A 44 18.13 1.74 19.20
N ASN A 45 19.13 1.92 18.33
CA ASN A 45 20.52 2.25 18.72
C ASN A 45 20.75 3.75 18.77
N SER A 46 20.45 4.48 17.70
CA SER A 46 20.79 5.92 17.63
C SER A 46 19.83 6.74 18.50
N ALA A 47 18.68 6.19 18.90
CA ALA A 47 17.57 6.96 19.52
C ALA A 47 16.61 6.02 20.25
N PRO A 48 17.11 5.21 21.21
CA PRO A 48 16.31 4.15 21.81
C PRO A 48 14.99 4.60 22.46
N ASP A 49 14.91 5.84 22.93
CA ASP A 49 13.76 6.28 23.77
C ASP A 49 12.78 7.13 22.95
N THR A 50 13.07 7.39 21.68
CA THR A 50 12.13 8.09 20.76
C THR A 50 10.98 7.16 20.42
N PRO A 51 9.76 7.72 20.10
CA PRO A 51 8.59 6.89 19.84
C PRO A 51 8.61 6.24 18.43
N ALA A 52 8.38 4.94 18.40
CA ALA A 52 8.24 4.13 17.18
C ALA A 52 6.75 4.03 16.86
N PHE A 53 5.90 4.03 17.91
CA PHE A 53 4.42 3.95 17.79
C PHE A 53 3.74 4.97 18.69
N VAL A 54 2.67 5.55 18.18
CA VAL A 54 1.69 6.33 18.99
C VAL A 54 0.33 5.67 18.79
N THR A 55 -0.33 5.29 19.86
CA THR A 55 -1.64 4.58 19.79
C THR A 55 -2.61 5.25 20.77
N ARG A 56 -3.91 4.96 20.58
CA ARG A 56 -5.05 5.40 21.44
C ARG A 56 -6.03 4.24 21.62
N GLY A 61 -6.68 7.60 26.17
CA GLY A 61 -5.26 7.53 26.54
C GLY A 61 -4.36 7.41 25.31
N VAL A 62 -3.56 8.42 25.02
CA VAL A 62 -2.48 8.36 24.01
C VAL A 62 -1.22 7.72 24.64
N ARG A 63 -0.76 6.58 24.11
CA ARG A 63 0.48 5.90 24.57
C ARG A 63 1.54 5.91 23.46
N THR A 64 2.80 5.78 23.83
CA THR A 64 3.93 5.65 22.89
C THR A 64 4.65 4.36 23.23
N LEU A 65 5.17 3.68 22.22
CA LEU A 65 6.13 2.57 22.40
C LEU A 65 7.42 3.03 21.75
N SER A 66 8.51 3.07 22.51
CA SER A 66 9.83 3.52 21.99
C SER A 66 10.48 2.45 21.08
N TYR A 67 11.49 2.86 20.33
CA TYR A 67 12.28 1.98 19.42
C TYR A 67 12.92 0.82 20.20
N ARG A 68 13.46 1.14 21.38
CA ARG A 68 14.07 0.15 22.28
C ARG A 68 13.01 -0.85 22.71
N GLU A 69 11.86 -0.38 23.16
CA GLU A 69 10.79 -1.29 23.67
C GLU A 69 10.27 -2.15 22.48
N LEU A 70 10.17 -1.58 21.29
CA LEU A 70 9.78 -2.34 20.07
C LEU A 70 10.83 -3.45 19.78
N ARG A 71 12.12 -3.15 19.78
CA ARG A 71 13.18 -4.17 19.50
C ARG A 71 13.12 -5.27 20.56
N THR A 72 12.83 -4.91 21.81
CA THR A 72 12.70 -5.90 22.92
C THR A 72 11.56 -6.87 22.57
N ARG A 73 10.40 -6.37 22.13
CA ARG A 73 9.25 -7.25 21.82
C ARG A 73 9.59 -8.11 20.60
N VAL A 74 10.25 -7.54 19.61
CA VAL A 74 10.68 -8.26 18.37
C VAL A 74 11.58 -9.42 18.78
N ASP A 75 12.59 -9.12 19.59
CA ASP A 75 13.61 -10.12 20.04
C ASP A 75 12.93 -11.26 20.85
N ASP A 76 12.03 -10.92 21.75
CA ASP A 76 11.17 -11.90 22.49
C ASP A 76 10.35 -12.79 21.54
N PHE A 77 9.60 -12.21 20.61
CA PHE A 77 8.82 -13.02 19.64
C PHE A 77 9.78 -13.89 18.81
N ALA A 78 10.92 -13.33 18.43
CA ALA A 78 11.87 -14.04 17.56
C ALA A 78 12.47 -15.22 18.35
N ALA A 79 12.78 -15.05 19.63
CA ALA A 79 13.30 -16.16 20.48
C ALA A 79 12.23 -17.27 20.51
N ALA A 80 10.95 -16.92 20.73
CA ALA A 80 9.83 -17.89 20.73
C ALA A 80 9.68 -18.57 19.36
N LEU A 81 9.67 -17.79 18.27
CA LEU A 81 9.49 -18.33 16.89
C LEU A 81 10.63 -19.30 16.62
N ALA A 82 11.85 -18.94 16.99
CA ALA A 82 13.06 -19.76 16.69
C ALA A 82 12.92 -21.19 17.26
N GLU A 83 12.15 -21.36 18.33
CA GLU A 83 11.95 -22.67 19.02
C GLU A 83 11.16 -23.61 18.11
N LEU A 84 10.46 -23.10 17.11
CA LEU A 84 9.48 -23.89 16.35
C LEU A 84 10.19 -24.73 15.27
N GLY A 85 11.47 -24.48 14.99
CA GLY A 85 12.27 -25.35 14.09
C GLY A 85 12.03 -25.04 12.61
N LEU A 86 11.42 -23.91 12.29
CA LEU A 86 11.14 -23.53 10.89
C LEU A 86 12.46 -23.26 10.15
N ASP A 87 12.47 -23.64 8.88
CA ASP A 87 13.61 -23.42 7.94
C ASP A 87 13.41 -22.07 7.25
N VAL A 88 14.53 -21.50 6.85
CA VAL A 88 14.45 -20.23 6.09
C VAL A 88 13.54 -20.47 4.90
N ASP A 89 12.71 -19.47 4.58
CA ASP A 89 11.71 -19.48 3.49
C ASP A 89 10.49 -20.34 3.87
N ASP A 90 10.37 -20.82 5.11
CA ASP A 90 9.10 -21.36 5.64
C ASP A 90 8.14 -20.15 5.84
N ARG A 91 6.87 -20.30 5.45
CA ARG A 91 5.87 -19.20 5.41
C ARG A 91 5.05 -19.15 6.70
N VAL A 92 4.90 -17.93 7.21
CA VAL A 92 4.13 -17.58 8.43
C VAL A 92 2.98 -16.68 7.99
N VAL A 93 1.72 -17.12 8.14
CA VAL A 93 0.54 -16.23 7.96
C VAL A 93 0.43 -15.40 9.25
N LEU A 94 0.45 -14.07 9.09
CA LEU A 94 0.21 -13.07 10.15
C LEU A 94 -1.17 -12.44 9.91
N GLU A 95 -2.16 -12.85 10.69
CA GLU A 95 -3.51 -12.27 10.59
C GLU A 95 -3.63 -11.18 11.67
N ALA A 96 -3.67 -9.93 11.22
CA ALA A 96 -3.69 -8.75 12.10
C ALA A 96 -4.00 -7.52 11.25
N ASN A 97 -4.26 -6.43 11.93
CA ASN A 97 -4.12 -5.10 11.28
C ASN A 97 -2.88 -4.46 11.89
N VAL A 98 -2.53 -3.26 11.40
CA VAL A 98 -1.30 -2.56 11.78
C VAL A 98 -1.34 -2.25 13.28
N THR A 99 -0.58 -2.99 14.05
CA THR A 99 -0.44 -2.78 15.52
C THR A 99 1.03 -2.98 15.88
N PRO A 100 1.49 -2.46 17.03
CA PRO A 100 2.87 -2.66 17.47
C PRO A 100 3.22 -4.15 17.54
N ASP A 101 2.27 -4.94 18.03
CA ASP A 101 2.49 -6.41 18.14
C ASP A 101 2.64 -7.02 16.74
N ALA A 102 1.77 -6.72 15.81
CA ALA A 102 1.83 -7.32 14.45
C ALA A 102 3.14 -6.87 13.77
N VAL A 103 3.55 -5.62 13.95
CA VAL A 103 4.84 -5.16 13.36
C VAL A 103 5.99 -5.89 14.09
N ALA A 104 5.87 -6.16 15.41
CA ALA A 104 6.93 -6.86 16.16
C ALA A 104 7.07 -8.26 15.57
N MET A 105 5.94 -8.87 15.17
CA MET A 105 5.90 -10.23 14.62
C MET A 105 6.56 -10.24 13.24
N LEU A 106 6.22 -9.32 12.35
CA LEU A 106 6.71 -9.39 10.97
C LEU A 106 8.21 -9.12 11.06
N LEU A 107 8.67 -8.29 12.00
CA LEU A 107 10.14 -8.08 12.14
C LEU A 107 10.81 -9.30 12.74
N ALA A 108 10.13 -10.06 13.61
CA ALA A 108 10.69 -11.30 14.16
C ALA A 108 10.84 -12.33 13.02
N CYS A 109 9.78 -12.49 12.24
CA CYS A 109 9.80 -13.37 11.05
C CYS A 109 10.99 -12.94 10.17
N SER A 110 11.12 -11.65 9.89
CA SER A 110 12.22 -11.14 9.01
C SER A 110 13.59 -11.62 9.54
N LEU A 111 13.87 -11.49 10.83
CA LEU A 111 15.23 -11.80 11.37
C LEU A 111 15.51 -13.28 11.15
N LEU A 112 14.48 -14.14 11.17
CA LEU A 112 14.58 -15.62 11.07
C LEU A 112 14.46 -16.08 9.61
N GLY A 113 14.28 -15.14 8.67
CA GLY A 113 14.12 -15.45 7.23
C GLY A 113 12.85 -16.21 6.95
N LEU A 114 11.83 -15.98 7.77
CA LEU A 114 10.50 -16.61 7.56
C LEU A 114 9.61 -15.59 6.86
N PRO A 115 9.36 -15.72 5.53
CA PRO A 115 8.46 -14.82 4.83
C PRO A 115 7.11 -14.80 5.55
N PHE A 116 6.57 -13.59 5.77
CA PHE A 116 5.22 -13.44 6.32
C PHE A 116 4.20 -13.20 5.21
N ILE A 117 3.01 -13.72 5.45
CA ILE A 117 1.86 -13.53 4.56
C ILE A 117 0.83 -12.74 5.36
N PRO A 118 0.72 -11.43 5.16
CA PRO A 118 -0.13 -10.62 6.02
C PRO A 118 -1.56 -10.75 5.53
N VAL A 119 -2.49 -11.04 6.45
CA VAL A 119 -3.92 -11.24 6.09
C VAL A 119 -4.78 -10.42 7.05
N SER A 120 -5.65 -9.58 6.52
CA SER A 120 -6.55 -8.79 7.41
C SER A 120 -7.56 -9.73 8.06
N PRO A 121 -7.79 -9.57 9.38
CA PRO A 121 -8.82 -10.36 10.05
C PRO A 121 -10.21 -10.15 9.42
N GLU A 122 -10.40 -9.16 8.55
CA GLU A 122 -11.70 -8.98 7.83
C GLU A 122 -11.77 -9.93 6.63
N THR A 123 -10.68 -10.60 6.28
CA THR A 123 -10.67 -11.47 5.07
C THR A 123 -11.70 -12.57 5.38
N PRO A 124 -12.64 -12.88 4.47
CA PRO A 124 -13.57 -13.98 4.70
C PRO A 124 -12.82 -15.33 4.87
N SER A 125 -13.36 -16.25 5.68
CA SER A 125 -12.86 -17.60 6.00
C SER A 125 -12.49 -18.38 4.74
N GLY A 126 -13.37 -18.37 3.71
CA GLY A 126 -13.16 -18.98 2.39
C GLY A 126 -11.92 -18.46 1.67
N ARG A 127 -11.76 -17.15 1.63
CA ARG A 127 -10.58 -16.52 0.98
C ARG A 127 -9.30 -16.92 1.74
N LEU A 128 -9.36 -16.98 3.07
CA LEU A 128 -8.19 -17.38 3.88
C LEU A 128 -7.83 -18.83 3.54
N ARG A 129 -8.83 -19.73 3.56
CA ARG A 129 -8.61 -21.16 3.21
C ARG A 129 -7.91 -21.27 1.86
N SER A 130 -8.33 -20.51 0.88
CA SER A 130 -7.78 -20.52 -0.49
C SER A 130 -6.31 -20.09 -0.43
N ILE A 131 -5.99 -19.08 0.39
CA ILE A 131 -4.57 -18.68 0.61
C ILE A 131 -3.82 -19.82 1.29
N LEU A 132 -4.38 -20.42 2.34
CA LEU A 132 -3.71 -21.54 3.05
C LEU A 132 -3.48 -22.69 2.08
N ASP A 133 -4.46 -22.95 1.21
CA ASP A 133 -4.35 -24.10 0.28
C ASP A 133 -3.15 -23.88 -0.64
N THR A 134 -2.96 -22.69 -1.24
CA THR A 134 -1.87 -22.45 -2.21
C THR A 134 -0.54 -22.23 -1.51
N ALA A 135 -0.50 -21.44 -0.43
CA ALA A 135 0.75 -20.97 0.19
C ALA A 135 1.36 -22.06 1.07
N GLU A 136 0.52 -23.00 1.51
CA GLU A 136 0.89 -24.13 2.40
C GLU A 136 1.86 -23.65 3.46
N PRO A 137 1.43 -22.73 4.33
CA PRO A 137 2.30 -22.19 5.37
C PRO A 137 2.61 -23.14 6.54
N ALA A 138 3.72 -22.94 7.19
CA ALA A 138 4.08 -23.78 8.36
C ALA A 138 3.32 -23.29 9.59
N LEU A 139 2.92 -22.01 9.59
CA LEU A 139 2.39 -21.39 10.82
C LEU A 139 1.41 -20.28 10.46
N PHE A 140 0.34 -20.23 11.25
CA PHE A 140 -0.67 -19.15 11.25
C PHE A 140 -0.62 -18.51 12.64
N ALA A 141 -0.40 -17.20 12.72
CA ALA A 141 -0.42 -16.49 14.01
C ALA A 141 -1.42 -15.32 13.91
N GLN A 142 -2.20 -15.16 14.98
CA GLN A 142 -3.17 -14.06 15.14
C GLN A 142 -2.98 -13.46 16.53
N ALA A 143 -3.65 -12.34 16.83
CA ALA A 143 -3.59 -11.61 18.12
C ALA A 143 -4.24 -12.50 19.21
N GLU A 144 -3.89 -12.30 20.47
CA GLU A 144 -4.54 -13.05 21.58
C GLU A 144 -6.07 -13.01 21.37
N ASP A 145 -6.61 -11.83 21.10
CA ASP A 145 -8.08 -11.63 21.07
C ASP A 145 -8.54 -11.76 19.63
N GLY A 146 -7.77 -12.38 18.75
CA GLY A 146 -8.17 -12.59 17.35
C GLY A 146 -9.30 -13.59 17.29
N GLY A 147 -10.08 -13.57 16.20
CA GLY A 147 -11.36 -14.28 16.09
C GLY A 147 -11.30 -15.43 15.11
N ARG A 148 -10.16 -15.73 14.49
CA ARG A 148 -10.14 -16.82 13.47
C ARG A 148 -10.18 -18.19 14.17
N ALA A 149 -11.07 -19.10 13.76
CA ALA A 149 -11.19 -20.48 14.32
C ALA A 149 -10.79 -21.58 13.33
N ASP A 150 -10.70 -21.31 12.02
CA ASP A 150 -10.88 -22.35 10.96
C ASP A 150 -9.57 -23.04 10.47
N VAL A 151 -8.57 -23.32 11.32
CA VAL A 151 -7.20 -23.51 10.77
C VAL A 151 -6.74 -24.97 10.88
N PRO A 152 -6.36 -25.59 9.72
CA PRO A 152 -6.02 -27.01 9.69
C PRO A 152 -4.82 -27.40 10.56
N ALA A 153 -4.86 -28.63 11.06
CA ALA A 153 -3.86 -29.19 12.01
C ALA A 153 -2.50 -29.31 11.32
N THR A 154 -2.42 -29.26 9.99
CA THR A 154 -1.12 -29.23 9.26
C THR A 154 -0.41 -27.92 9.55
N VAL A 155 -1.18 -26.82 9.62
CA VAL A 155 -0.63 -25.47 9.95
C VAL A 155 -0.57 -25.33 11.47
N GLY A 156 0.61 -25.03 11.99
CA GLY A 156 0.75 -24.61 13.39
C GLY A 156 -0.13 -23.39 13.61
N THR A 157 -0.51 -23.13 14.86
CA THR A 157 -1.29 -21.93 15.23
C THR A 157 -0.62 -21.34 16.45
N ALA A 158 -0.59 -20.02 16.53
CA ALA A 158 -0.04 -19.28 17.68
C ALA A 158 -0.82 -18.00 17.85
N ARG A 159 -0.77 -17.43 19.04
CA ARG A 159 -1.36 -16.09 19.33
C ARG A 159 -0.25 -15.24 19.94
N PHE A 160 -0.23 -13.97 19.57
CA PHE A 160 0.81 -13.05 20.04
C PHE A 160 0.10 -11.92 20.78
N GLY A 161 0.69 -11.43 21.85
CA GLY A 161 0.19 -10.31 22.67
C GLY A 161 1.35 -9.81 23.48
N ALA A 162 1.29 -8.68 24.18
CA ALA A 162 2.51 -8.15 24.85
C ALA A 162 2.92 -9.16 25.95
N GLY A 163 2.03 -10.11 26.29
CA GLY A 163 2.29 -11.39 26.98
C GLY A 163 3.36 -12.27 26.30
N GLY A 164 3.52 -12.23 24.98
CA GLY A 164 4.48 -13.09 24.23
C GLY A 164 3.84 -13.83 23.07
N LEU A 165 4.62 -14.60 22.31
CA LEU A 165 4.07 -15.52 21.29
C LEU A 165 3.71 -16.82 21.96
N ARG A 166 2.46 -17.28 21.83
CA ARG A 166 1.91 -18.48 22.52
C ARG A 166 1.52 -19.53 21.48
N VAL A 167 2.19 -20.69 21.50
CA VAL A 167 1.93 -21.71 20.46
C VAL A 167 0.74 -22.51 20.95
N GLU A 168 -0.23 -22.71 20.07
CA GLU A 168 -1.44 -23.48 20.38
C GLU A 168 -1.16 -24.84 19.79
N ARG A 169 -0.98 -24.89 18.48
CA ARG A 169 -0.57 -26.15 17.79
C ARG A 169 0.84 -25.94 17.22
N ALA A 170 1.80 -26.83 17.51
CA ALA A 170 3.17 -26.64 17.01
C ALA A 170 3.09 -26.87 15.50
N PRO A 171 3.94 -26.21 14.68
CA PRO A 171 4.09 -26.58 13.28
C PRO A 171 4.65 -28.01 13.24
N ARG A 172 4.61 -28.68 12.10
CA ARG A 172 5.02 -30.09 12.08
C ARG A 172 6.53 -30.16 11.86
N ALA A 173 7.18 -31.19 12.42
CA ALA A 173 8.64 -31.25 12.57
C ALA A 173 9.29 -31.24 11.20
N ARG A 174 10.56 -30.84 11.17
CA ARG A 174 11.27 -30.79 9.88
C ARG A 174 12.77 -30.82 10.14
N VAL A 175 13.51 -31.07 9.08
CA VAL A 175 14.98 -30.84 9.05
C VAL A 175 15.28 -29.49 8.38
N ARG A 176 15.95 -28.61 9.11
CA ARG A 176 16.50 -27.33 8.58
C ARG A 176 17.58 -27.60 7.55
N HIS A 177 17.54 -27.01 6.35
CA HIS A 177 18.66 -27.15 5.37
C HIS A 177 19.41 -25.83 5.10
N ARG A 178 18.80 -24.66 5.33
CA ARG A 178 19.40 -23.35 4.96
C ARG A 178 20.36 -22.90 6.08
N ARG A 179 21.64 -22.74 5.76
CA ARG A 179 22.71 -22.37 6.75
C ARG A 179 22.67 -20.86 7.01
N GLU A 180 22.53 -20.04 5.95
CA GLU A 180 22.62 -18.55 6.06
C GLU A 180 21.45 -17.91 5.32
N ILE A 181 20.96 -16.80 5.84
CA ILE A 181 19.92 -15.95 5.23
C ILE A 181 20.59 -15.01 4.24
N VAL A 182 19.96 -14.77 3.10
CA VAL A 182 20.55 -13.83 2.08
C VAL A 182 19.56 -12.69 1.83
N GLY A 183 19.97 -11.73 1.00
CA GLY A 183 19.20 -10.55 0.58
C GLY A 183 17.96 -10.98 -0.20
N THR A 184 18.07 -11.96 -1.09
CA THR A 184 16.97 -12.38 -2.01
C THR A 184 16.03 -13.36 -1.31
N ASP A 185 16.25 -13.69 -0.05
CA ASP A 185 15.23 -14.48 0.69
C ASP A 185 13.96 -13.63 0.79
N THR A 186 12.82 -14.27 0.84
CA THR A 186 11.50 -13.60 0.80
C THR A 186 11.25 -12.94 2.17
N ALA A 187 10.97 -11.63 2.13
CA ALA A 187 10.42 -10.87 3.27
C ALA A 187 8.92 -11.16 3.47
N TYR A 188 8.13 -11.10 2.41
CA TYR A 188 6.67 -11.28 2.55
C TYR A 188 6.10 -11.70 1.22
N ILE A 189 4.90 -12.26 1.27
CA ILE A 189 4.12 -12.59 0.06
C ILE A 189 2.76 -11.92 0.27
N ILE A 190 2.38 -11.07 -0.68
CA ILE A 190 1.03 -10.39 -0.74
C ILE A 190 0.09 -11.23 -1.61
N PHE A 191 -1.00 -11.74 -1.01
CA PHE A 191 -2.07 -12.48 -1.70
C PHE A 191 -3.30 -11.60 -1.89
N THR A 192 -3.79 -11.56 -3.13
CA THR A 192 -5.10 -11.01 -3.59
C THR A 192 -5.85 -12.08 -4.39
N PRO A 199 -5.86 -17.17 -6.38
CA PRO A 199 -5.22 -16.21 -5.45
C PRO A 199 -3.77 -15.94 -5.88
N LYS A 200 -3.46 -14.71 -6.28
CA LYS A 200 -2.18 -14.25 -6.83
C LYS A 200 -1.27 -13.82 -5.68
N GLY A 201 -0.06 -14.37 -5.63
CA GLY A 201 0.91 -14.12 -4.56
C GLY A 201 2.11 -13.40 -5.10
N VAL A 202 2.34 -12.17 -4.63
CA VAL A 202 3.53 -11.38 -5.06
C VAL A 202 4.63 -11.64 -4.03
N VAL A 203 5.70 -12.33 -4.44
CA VAL A 203 6.88 -12.68 -3.60
C VAL A 203 7.86 -11.51 -3.62
N MET A 204 8.08 -10.87 -2.48
N MET A 204 8.18 -10.95 -2.46
CA MET A 204 9.04 -9.74 -2.30
CA MET A 204 9.03 -9.72 -2.30
C MET A 204 10.19 -10.17 -1.39
C MET A 204 10.19 -9.97 -1.31
N SER A 205 11.42 -9.88 -1.84
CA SER A 205 12.66 -10.13 -1.11
C SER A 205 12.96 -8.96 -0.16
N HIS A 206 13.77 -9.23 0.86
CA HIS A 206 14.37 -8.19 1.73
C HIS A 206 15.12 -7.19 0.84
N ARG A 207 15.90 -7.67 -0.13
CA ARG A 207 16.69 -6.73 -0.99
C ARG A 207 15.73 -5.74 -1.67
N SER A 208 14.61 -6.23 -2.24
CA SER A 208 13.66 -5.40 -3.00
C SER A 208 13.03 -4.37 -2.05
N VAL A 209 12.52 -4.79 -0.90
CA VAL A 209 11.74 -3.85 -0.06
C VAL A 209 12.70 -2.86 0.59
N VAL A 210 13.89 -3.30 1.05
CA VAL A 210 14.86 -2.37 1.67
C VAL A 210 15.29 -1.33 0.62
N SER A 211 15.52 -1.73 -0.62
CA SER A 211 15.91 -0.85 -1.74
C SER A 211 14.82 0.21 -1.93
N LEU A 212 13.57 -0.19 -1.84
CA LEU A 212 12.48 0.81 -1.98
C LEU A 212 12.53 1.83 -0.83
N TYR A 213 12.58 1.39 0.42
CA TYR A 213 12.71 2.26 1.61
C TYR A 213 13.91 3.22 1.46
N ARG A 214 15.08 2.71 1.05
CA ARG A 214 16.26 3.58 0.87
C ARG A 214 16.02 4.62 -0.20
N ALA A 215 15.37 4.29 -1.32
CA ALA A 215 15.12 5.28 -2.39
C ALA A 215 14.23 6.42 -1.84
N ILE A 216 13.24 6.06 -1.03
CA ILE A 216 12.32 7.08 -0.48
C ILE A 216 13.02 7.87 0.63
N LEU A 217 13.84 7.22 1.47
CA LEU A 217 14.64 7.98 2.47
C LEU A 217 15.44 9.05 1.74
N GLU A 218 15.88 8.80 0.51
CA GLU A 218 16.70 9.79 -0.26
C GLU A 218 15.80 10.97 -0.68
N GLN A 219 14.48 10.91 -0.53
CA GLN A 219 13.55 11.93 -1.12
C GLN A 219 12.91 12.74 0.02
N GLY A 220 13.57 12.73 1.19
CA GLY A 220 13.23 13.38 2.47
C GLY A 220 11.77 13.69 2.65
N LEU A 221 10.90 12.72 2.32
CA LEU A 221 9.42 12.79 2.50
C LEU A 221 9.14 13.04 3.97
N ILE A 222 9.93 12.42 4.86
CA ILE A 222 9.67 12.16 6.31
C ILE A 222 10.92 12.59 7.08
N THR A 223 10.75 13.19 8.26
CA THR A 223 11.85 13.32 9.26
C THR A 223 11.52 12.49 10.51
N PRO A 224 12.51 12.25 11.43
CA PRO A 224 12.29 11.57 12.70
C PRO A 224 11.23 12.16 13.63
N GLU A 225 10.88 13.42 13.46
CA GLU A 225 9.92 14.15 14.34
C GLU A 225 8.50 13.93 13.82
N ASP A 226 8.35 13.42 12.61
CA ASP A 226 7.02 13.13 12.01
C ASP A 226 6.31 12.01 12.76
N ARG A 227 4.98 12.06 12.72
CA ARG A 227 4.09 10.95 13.15
C ARG A 227 3.20 10.59 11.97
N ILE A 228 3.39 9.41 11.42
CA ILE A 228 2.72 8.99 10.15
C ILE A 228 1.44 8.28 10.54
N ALA A 229 0.26 8.87 10.29
CA ALA A 229 -1.01 8.15 10.39
C ALA A 229 -1.12 7.20 9.23
N THR A 230 -1.24 5.91 9.48
CA THR A 230 -1.35 4.88 8.39
C THR A 230 -2.73 4.26 8.47
N THR A 231 -3.39 4.08 7.35
CA THR A 231 -4.82 3.67 7.33
C THR A 231 -5.02 2.33 6.60
N SER A 232 -4.05 1.84 5.84
CA SER A 232 -4.22 0.63 5.01
C SER A 232 -4.28 -0.57 5.91
N PRO A 233 -5.09 -1.57 5.53
CA PRO A 233 -4.97 -2.95 6.03
C PRO A 233 -3.54 -3.49 5.90
N LEU A 234 -3.09 -4.20 6.92
CA LEU A 234 -1.76 -4.86 6.93
C LEU A 234 -1.57 -5.69 5.65
N GLN A 235 -2.63 -6.28 5.12
CA GLN A 235 -2.48 -7.19 3.96
C GLN A 235 -2.17 -6.41 2.69
N PHE A 236 -2.33 -5.07 2.69
CA PHE A 236 -2.07 -4.20 1.53
C PHE A 236 -0.66 -3.69 1.67
N ASP A 237 0.16 -3.67 0.62
CA ASP A 237 1.59 -3.28 0.83
C ASP A 237 1.73 -1.81 1.22
N PHE A 238 0.70 -0.99 1.03
CA PHE A 238 0.68 0.42 1.44
C PHE A 238 0.96 0.50 2.95
N ALA A 239 0.38 -0.42 3.71
CA ALA A 239 0.69 -0.58 5.17
C ALA A 239 2.19 -0.87 5.38
N LEU A 240 2.75 -1.81 4.61
CA LEU A 240 4.20 -2.15 4.74
C LEU A 240 5.05 -0.98 4.29
N PHE A 241 4.61 -0.26 3.26
CA PHE A 241 5.30 0.97 2.84
C PHE A 241 5.33 1.96 4.01
N ASP A 242 4.18 2.21 4.65
CA ASP A 242 4.09 3.20 5.76
C ASP A 242 5.00 2.74 6.92
N ILE A 243 4.91 1.48 7.28
CA ILE A 243 5.70 0.96 8.45
C ILE A 243 7.19 1.23 8.21
N GLY A 244 7.70 0.87 7.05
CA GLY A 244 9.16 0.97 6.82
C GLY A 244 9.60 2.40 6.70
N LEU A 245 8.79 3.26 6.07
CA LEU A 245 9.11 4.70 5.94
C LEU A 245 9.23 5.31 7.36
N ALA A 246 8.26 5.09 8.23
CA ALA A 246 8.30 5.55 9.64
C ALA A 246 9.50 4.92 10.35
N LEU A 247 9.53 3.60 10.42
CA LEU A 247 10.52 2.93 11.32
C LEU A 247 11.93 3.09 10.75
N GLY A 248 12.08 3.07 9.43
CA GLY A 248 13.41 3.25 8.82
C GLY A 248 13.92 4.65 9.02
N THR A 249 13.06 5.64 9.24
CA THR A 249 13.46 7.06 9.39
C THR A 249 13.73 7.38 10.85
N GLY A 250 13.22 6.59 11.78
CA GLY A 250 13.21 6.97 13.21
C GLY A 250 12.00 7.84 13.58
N ALA A 251 10.99 7.88 12.70
CA ALA A 251 9.72 8.60 12.94
C ALA A 251 8.75 7.71 13.73
N ALA A 252 7.61 8.25 14.14
CA ALA A 252 6.61 7.44 14.87
C ALA A 252 5.51 7.02 13.89
N LEU A 253 5.03 5.80 14.06
CA LEU A 253 3.86 5.31 13.27
C LEU A 253 2.59 5.48 14.11
N VAL A 254 1.53 5.99 13.50
CA VAL A 254 0.21 6.16 14.19
C VAL A 254 -0.80 5.33 13.44
N PRO A 255 -1.01 4.07 13.84
CA PRO A 255 -1.93 3.21 13.11
C PRO A 255 -3.34 3.72 13.35
N VAL A 256 -4.08 3.93 12.27
CA VAL A 256 -5.51 4.36 12.38
C VAL A 256 -6.36 3.11 12.27
N PRO A 257 -7.03 2.68 13.35
CA PRO A 257 -7.92 1.51 13.25
C PRO A 257 -9.12 1.83 12.34
N ARG A 258 -9.53 0.83 11.58
CA ARG A 258 -10.69 0.93 10.65
C ARG A 258 -11.91 1.52 11.39
N GLU A 259 -12.07 1.23 12.68
CA GLU A 259 -13.26 1.65 13.46
C GLU A 259 -13.19 3.16 13.71
N GLU A 260 -11.98 3.74 13.72
CA GLU A 260 -11.80 5.19 13.93
C GLU A 260 -11.95 5.88 12.60
N LEU A 261 -11.46 5.25 11.54
CA LEU A 261 -11.42 5.76 10.14
C LEU A 261 -12.84 5.92 9.55
N ASN A 262 -13.76 5.04 9.92
CA ASN A 262 -15.07 4.92 9.24
C ASN A 262 -16.01 6.11 9.58
N TRP A 263 -15.79 6.89 10.63
CA TRP A 263 -16.68 8.01 11.03
C TRP A 263 -15.85 9.29 11.00
N PRO A 264 -16.37 10.35 10.35
CA PRO A 264 -15.56 11.54 10.09
C PRO A 264 -15.08 12.29 11.34
N ARG A 265 -15.94 12.67 12.29
CA ARG A 265 -15.47 13.38 13.51
C ARG A 265 -14.58 12.44 14.30
N ARG A 266 -14.93 11.17 14.36
CA ARG A 266 -14.08 10.22 15.12
C ARG A 266 -12.67 10.18 14.52
N PHE A 267 -12.58 10.16 13.19
CA PHE A 267 -11.29 10.05 12.46
C PHE A 267 -10.46 11.30 12.74
N LEU A 268 -11.10 12.47 12.67
CA LEU A 268 -10.43 13.77 12.89
C LEU A 268 -9.96 13.92 14.33
N ALA A 269 -10.75 13.53 15.33
CA ALA A 269 -10.36 13.53 16.75
C ALA A 269 -9.17 12.59 16.98
N PHE A 270 -9.10 11.45 16.28
CA PHE A 270 -7.97 10.52 16.41
C PHE A 270 -6.68 11.18 15.88
N LEU A 271 -6.74 11.77 14.70
CA LEU A 271 -5.56 12.51 14.09
C LEU A 271 -5.09 13.67 14.98
N GLY A 272 -6.01 14.46 15.54
CA GLY A 272 -5.75 15.54 16.51
C GLY A 272 -5.11 15.03 17.81
N ASP A 273 -5.72 14.06 18.50
CA ASP A 273 -5.26 13.46 19.77
C ASP A 273 -3.86 12.85 19.60
N THR A 274 -3.55 12.20 18.47
CA THR A 274 -2.25 11.47 18.33
C THR A 274 -1.19 12.44 17.82
N GLY A 275 -1.57 13.67 17.49
CA GLY A 275 -0.70 14.68 16.89
C GLY A 275 -0.14 14.22 15.54
N ALA A 276 -0.91 13.51 14.69
CA ALA A 276 -0.41 13.05 13.40
C ALA A 276 0.13 14.24 12.61
N THR A 277 1.29 14.07 11.98
CA THR A 277 1.93 15.12 11.15
C THR A 277 1.84 14.73 9.67
N GLN A 278 1.55 13.48 9.35
CA GLN A 278 1.47 13.01 7.97
C GLN A 278 0.29 12.04 7.97
N VAL A 279 -0.50 12.06 6.92
CA VAL A 279 -1.68 11.15 6.83
C VAL A 279 -1.58 10.44 5.49
N HIS A 280 -1.44 9.11 5.56
CA HIS A 280 -1.36 8.26 4.38
C HIS A 280 -2.64 7.44 4.22
N GLY A 281 -3.15 7.38 3.01
CA GLY A 281 -4.29 6.53 2.74
C GLY A 281 -4.70 6.64 1.31
N VAL A 282 -5.49 5.70 0.86
CA VAL A 282 -6.04 5.74 -0.51
C VAL A 282 -7.01 6.91 -0.52
N PRO A 283 -7.28 7.53 -1.69
CA PRO A 283 -8.07 8.76 -1.75
C PRO A 283 -9.40 8.72 -0.97
N SER A 284 -10.04 7.56 -0.93
CA SER A 284 -11.37 7.39 -0.31
C SER A 284 -11.33 7.75 1.20
N ILE A 285 -10.17 7.70 1.88
CA ILE A 285 -10.15 7.96 3.36
C ILE A 285 -10.72 9.38 3.61
N TRP A 286 -10.66 10.27 2.62
CA TRP A 286 -11.03 11.70 2.86
C TRP A 286 -12.52 11.91 2.55
N ARG A 287 -13.16 10.92 1.92
CA ARG A 287 -14.45 11.22 1.26
C ARG A 287 -15.46 11.62 2.35
N PRO A 288 -15.60 10.89 3.48
CA PRO A 288 -16.60 11.23 4.49
C PRO A 288 -16.26 12.57 5.15
N VAL A 289 -14.99 12.80 5.42
CA VAL A 289 -14.61 14.06 6.11
C VAL A 289 -14.94 15.23 5.17
N LEU A 290 -14.72 15.10 3.87
CA LEU A 290 -14.90 16.24 2.93
C LEU A 290 -16.39 16.58 2.86
N ARG A 291 -17.22 15.55 2.82
CA ARG A 291 -18.68 15.60 2.68
C ARG A 291 -19.30 16.14 3.98
N HIS A 292 -18.90 15.64 5.15
CA HIS A 292 -19.62 15.90 6.42
C HIS A 292 -18.91 16.91 7.33
N GLU A 293 -17.57 16.97 7.37
CA GLU A 293 -16.87 17.70 8.44
C GLU A 293 -15.73 18.52 7.86
N PRO A 294 -15.93 19.29 6.74
CA PRO A 294 -14.83 20.11 6.18
C PRO A 294 -14.24 21.12 7.19
N GLU A 295 -15.08 21.68 8.06
CA GLU A 295 -14.60 22.74 9.00
C GLU A 295 -13.69 22.12 10.06
N LEU A 296 -14.07 20.99 10.66
CA LEU A 296 -13.16 20.32 11.63
C LEU A 296 -11.89 19.85 10.89
N LEU A 297 -12.00 19.46 9.63
CA LEU A 297 -10.83 19.01 8.85
C LEU A 297 -9.78 20.13 8.79
N ALA A 298 -10.23 21.36 8.61
CA ALA A 298 -9.35 22.56 8.55
C ALA A 298 -8.70 22.74 9.93
N GLY A 299 -9.25 22.18 11.00
CA GLY A 299 -8.61 22.40 12.30
C GLY A 299 -7.38 21.52 12.48
N LEU A 300 -7.03 20.60 11.54
CA LEU A 300 -5.85 19.69 11.70
C LEU A 300 -4.55 20.47 11.43
N ASP A 301 -4.17 21.33 12.36
CA ASP A 301 -3.06 22.30 12.19
C ASP A 301 -1.68 21.61 12.22
N ARG A 302 -1.54 20.42 12.80
CA ARG A 302 -0.23 19.70 12.85
C ARG A 302 -0.01 18.87 11.60
N VAL A 303 -0.98 18.76 10.69
CA VAL A 303 -0.80 17.91 9.48
C VAL A 303 0.10 18.67 8.50
N ARG A 304 1.28 18.13 8.20
CA ARG A 304 2.28 18.75 7.30
C ARG A 304 2.22 18.09 5.94
N GLY A 305 1.71 16.86 5.85
CA GLY A 305 1.83 16.06 4.62
C GLY A 305 0.71 15.05 4.48
N ILE A 306 0.27 14.84 3.24
CA ILE A 306 -0.74 13.82 2.90
C ILE A 306 -0.11 13.02 1.78
N LEU A 307 -0.25 11.70 1.82
CA LEU A 307 0.20 10.85 0.69
C LEU A 307 -0.91 9.90 0.33
N PHE A 308 -1.22 9.75 -0.94
CA PHE A 308 -2.19 8.76 -1.40
C PHE A 308 -1.52 7.93 -2.47
N THR A 309 -2.08 6.76 -2.73
CA THR A 309 -1.67 5.92 -3.88
C THR A 309 -2.87 5.03 -4.16
N GLY A 310 -2.75 4.12 -5.13
CA GLY A 310 -3.74 3.05 -5.34
C GLY A 310 -4.67 3.33 -6.48
N GLU A 311 -5.10 4.59 -6.65
CA GLU A 311 -6.05 5.00 -7.71
C GLU A 311 -5.98 6.51 -7.79
N ASP A 312 -6.53 7.03 -8.89
CA ASP A 312 -6.70 8.49 -9.10
C ASP A 312 -7.53 9.09 -7.97
N PHE A 313 -7.06 10.25 -7.50
CA PHE A 313 -7.82 11.10 -6.56
C PHE A 313 -8.68 12.02 -7.44
N PRO A 314 -10.01 11.91 -7.37
CA PRO A 314 -10.88 12.80 -8.16
C PRO A 314 -10.52 14.25 -7.86
N LEU A 315 -10.19 15.06 -8.89
CA LEU A 315 -9.56 16.40 -8.69
C LEU A 315 -10.46 17.36 -7.92
N PRO A 316 -11.79 17.29 -8.05
CA PRO A 316 -12.67 18.18 -7.27
C PRO A 316 -12.59 17.93 -5.76
N GLU A 317 -12.50 16.67 -5.33
CA GLU A 317 -12.28 16.33 -3.90
C GLU A 317 -10.87 16.77 -3.54
N LEU A 318 -9.86 16.45 -4.36
CA LEU A 318 -8.45 16.82 -4.02
C LEU A 318 -8.30 18.33 -3.88
N ARG A 319 -8.88 19.11 -4.79
CA ARG A 319 -8.86 20.60 -4.67
C ARG A 319 -9.57 21.01 -3.37
N HIS A 320 -10.67 20.34 -2.99
CA HIS A 320 -11.41 20.67 -1.75
C HIS A 320 -10.52 20.41 -0.54
N LEU A 321 -9.87 19.25 -0.55
CA LEU A 321 -8.93 18.88 0.56
C LEU A 321 -7.82 19.92 0.61
N GLN A 322 -7.18 20.21 -0.53
CA GLN A 322 -5.96 21.07 -0.53
C GLN A 322 -6.31 22.45 0.02
N GLY A 323 -7.47 22.97 -0.39
CA GLY A 323 -8.05 24.25 0.08
C GLY A 323 -8.29 24.25 1.57
N LEU A 324 -8.58 23.11 2.21
CA LEU A 324 -8.88 23.09 3.67
C LEU A 324 -7.60 23.04 4.50
N LEU A 325 -6.54 22.46 3.96
CA LEU A 325 -5.25 22.29 4.66
C LEU A 325 -4.16 22.90 3.79
N PRO A 326 -4.11 24.23 3.66
CA PRO A 326 -3.17 24.84 2.72
C PRO A 326 -1.70 24.62 3.13
N HIS A 327 -1.44 24.21 4.37
CA HIS A 327 -0.06 23.92 4.87
C HIS A 327 0.28 22.43 4.80
N ALA A 328 -0.50 21.60 4.12
CA ALA A 328 -0.18 20.17 3.97
C ALA A 328 0.30 19.92 2.54
N ARG A 329 1.54 19.47 2.38
CA ARG A 329 2.05 19.02 1.06
C ARG A 329 1.26 17.78 0.70
N ILE A 330 0.80 17.63 -0.53
CA ILE A 330 0.07 16.42 -0.95
C ILE A 330 0.94 15.72 -1.99
N VAL A 331 1.18 14.43 -1.80
CA VAL A 331 2.04 13.62 -2.71
C VAL A 331 1.19 12.52 -3.31
N ASN A 332 1.18 12.49 -4.65
CA ASN A 332 0.61 11.45 -5.52
C ASN A 332 1.65 10.28 -5.57
N GLY A 333 1.38 9.15 -4.91
CA GLY A 333 2.28 7.99 -4.98
C GLY A 333 1.79 6.98 -6.02
N TYR A 334 2.59 6.69 -7.04
CA TYR A 334 2.28 5.70 -8.10
C TYR A 334 3.16 4.45 -7.90
N GLY A 335 2.50 3.28 -7.97
CA GLY A 335 3.21 2.02 -8.20
C GLY A 335 2.33 0.86 -7.94
N ALA A 336 2.92 -0.32 -7.95
CA ALA A 336 2.17 -1.59 -7.84
C ALA A 336 2.92 -2.50 -6.88
N THR A 337 2.23 -3.52 -6.38
CA THR A 337 2.79 -4.48 -5.42
C THR A 337 4.08 -5.09 -5.99
N GLU A 338 4.14 -5.29 -7.29
CA GLU A 338 5.22 -6.01 -7.96
C GLU A 338 6.55 -5.27 -7.77
N SER A 339 6.54 -3.95 -7.45
CA SER A 339 7.77 -3.19 -7.09
C SER A 339 7.63 -2.43 -5.79
N MET A 340 6.55 -2.70 -5.07
CA MET A 340 6.01 -1.85 -3.97
C MET A 340 5.66 -0.45 -4.50
N ALA A 341 6.61 0.31 -5.04
CA ALA A 341 6.24 1.64 -5.60
C ALA A 341 7.20 1.99 -6.74
N CYS A 342 6.87 3.08 -7.42
CA CYS A 342 7.61 3.57 -8.61
C CYS A 342 7.94 5.06 -8.44
N SER A 343 6.94 5.95 -8.26
CA SER A 343 7.24 7.41 -8.24
C SER A 343 6.40 8.11 -7.17
N LEU A 344 6.99 9.15 -6.57
CA LEU A 344 6.35 10.06 -5.59
C LEU A 344 6.40 11.46 -6.19
N THR A 345 5.24 12.10 -6.38
CA THR A 345 5.11 13.40 -7.11
C THR A 345 4.25 14.38 -6.31
N GLU A 346 4.83 15.44 -5.81
CA GLU A 346 4.12 16.48 -5.05
C GLU A 346 3.12 17.12 -6.01
N VAL A 347 1.89 17.28 -5.60
CA VAL A 347 0.86 17.89 -6.49
C VAL A 347 1.12 19.40 -6.51
N PRO A 348 0.76 20.09 -7.62
CA PRO A 348 0.88 21.55 -7.65
C PRO A 348 0.05 22.25 -6.56
N ARG A 349 0.54 23.39 -6.03
CA ARG A 349 -0.09 24.16 -4.92
C ARG A 349 -0.34 25.60 -5.41
N PRO A 350 -1.55 26.01 -5.80
CA PRO A 350 -2.75 25.19 -5.77
C PRO A 350 -2.81 24.34 -7.04
N ILE A 351 -3.67 23.32 -7.06
CA ILE A 351 -3.96 22.51 -8.28
C ILE A 351 -4.67 23.41 -9.30
N PRO A 352 -4.14 23.58 -10.53
CA PRO A 352 -4.82 24.42 -11.51
C PRO A 352 -6.26 23.93 -11.61
N SER A 353 -7.21 24.87 -11.66
CA SER A 353 -8.66 24.57 -11.81
C SER A 353 -8.94 23.77 -13.06
N ASP A 354 -8.19 24.04 -14.13
CA ASP A 354 -8.42 23.42 -15.45
C ASP A 354 -7.62 22.11 -15.58
N LEU A 355 -6.81 21.72 -14.60
CA LEU A 355 -5.93 20.52 -14.72
C LEU A 355 -6.81 19.28 -14.91
N GLU A 356 -6.51 18.47 -15.91
CA GLU A 356 -7.29 17.23 -16.25
C GLU A 356 -6.73 15.99 -15.53
N ARG A 357 -5.41 15.95 -15.31
CA ARG A 357 -4.70 14.79 -14.72
C ARG A 357 -3.51 15.29 -13.91
N LEU A 358 -3.34 14.74 -12.73
CA LEU A 358 -2.10 14.92 -11.95
C LEU A 358 -0.98 14.13 -12.65
N SER A 359 0.21 14.66 -12.59
CA SER A 359 1.44 13.96 -13.01
C SER A 359 1.75 12.89 -11.96
N ILE A 360 2.31 11.77 -12.43
CA ILE A 360 3.00 10.74 -11.59
C ILE A 360 4.51 10.87 -11.76
N GLY A 361 4.95 12.02 -12.27
CA GLY A 361 6.31 12.55 -12.15
C GLY A 361 7.36 11.70 -12.82
N PHE A 362 8.44 11.53 -12.10
CA PHE A 362 9.68 10.82 -12.47
C PHE A 362 9.85 9.63 -11.54
N PRO A 363 10.30 8.46 -12.07
CA PRO A 363 10.74 7.33 -11.22
C PRO A 363 11.67 7.74 -10.09
N LEU A 364 11.49 7.14 -8.93
CA LEU A 364 12.44 7.25 -7.81
C LEU A 364 13.87 7.05 -8.32
N PRO A 365 14.85 7.66 -7.64
CA PRO A 365 16.27 7.39 -7.88
C PRO A 365 16.52 5.90 -7.93
N GLY A 366 17.14 5.40 -9.02
CA GLY A 366 17.48 3.99 -9.21
C GLY A 366 16.37 3.25 -9.91
N PHE A 367 15.30 3.92 -10.32
CA PHE A 367 14.17 3.33 -11.08
C PHE A 367 14.18 3.99 -12.46
N ASP A 368 13.64 3.30 -13.45
CA ASP A 368 13.63 3.81 -14.85
C ASP A 368 12.39 3.25 -15.55
N VAL A 369 11.71 4.12 -16.32
CA VAL A 369 10.53 3.70 -17.11
C VAL A 369 10.82 3.85 -18.60
N SER A 370 10.40 2.82 -19.35
CA SER A 370 10.23 2.81 -20.82
C SER A 370 8.72 2.76 -21.09
N LEU A 371 8.22 3.67 -21.92
CA LEU A 371 6.87 3.54 -22.50
C LEU A 371 7.03 2.82 -23.84
N LEU A 372 6.44 1.66 -24.00
CA LEU A 372 6.54 0.87 -25.24
C LEU A 372 5.16 0.75 -25.90
N ASP A 373 5.11 0.86 -27.22
CA ASP A 373 3.83 0.88 -27.98
C ASP A 373 3.41 -0.57 -28.16
N GLU A 374 2.39 -0.76 -28.99
CA GLU A 374 1.61 -2.02 -29.13
C GLU A 374 2.40 -2.96 -30.04
N HIS A 375 3.50 -2.48 -30.61
CA HIS A 375 4.52 -3.30 -31.33
C HIS A 375 5.68 -3.63 -30.39
N GLY A 376 5.79 -2.98 -29.22
CA GLY A 376 6.92 -3.18 -28.29
C GLY A 376 8.07 -2.21 -28.53
N ARG A 377 7.84 -1.15 -29.28
CA ARG A 377 8.84 -0.11 -29.65
C ARG A 377 8.75 1.11 -28.71
N PRO A 378 9.88 1.79 -28.39
CA PRO A 378 9.86 2.97 -27.52
C PRO A 378 8.98 4.10 -28.07
N VAL A 379 8.14 4.66 -27.23
CA VAL A 379 7.35 5.88 -27.58
C VAL A 379 8.17 7.09 -27.12
N GLU A 380 8.60 7.96 -28.03
CA GLU A 380 9.38 9.18 -27.66
C GLU A 380 8.49 10.44 -27.77
N GLU A 381 7.31 10.30 -28.37
CA GLU A 381 6.43 11.43 -28.72
C GLU A 381 5.72 11.92 -27.46
N ILE A 382 5.86 13.21 -27.15
CA ILE A 382 5.12 13.90 -26.06
C ILE A 382 3.63 13.57 -26.23
N GLY A 383 2.96 13.14 -25.16
CA GLY A 383 1.50 13.04 -25.16
C GLY A 383 1.00 11.76 -25.81
N VAL A 384 1.87 10.88 -26.27
CA VAL A 384 1.40 9.54 -26.79
C VAL A 384 1.56 8.48 -25.69
N ALA A 385 0.52 7.68 -25.45
CA ALA A 385 0.49 6.65 -24.38
C ALA A 385 1.22 5.42 -24.87
N GLY A 386 1.94 4.79 -23.96
CA GLY A 386 2.43 3.43 -24.16
C GLY A 386 2.36 2.71 -22.82
N GLN A 387 2.76 1.45 -22.80
CA GLN A 387 2.69 0.62 -21.60
C GLN A 387 3.99 0.82 -20.82
N ILE A 388 3.87 1.11 -19.54
CA ILE A 388 5.04 1.31 -18.65
C ILE A 388 5.79 -0.02 -18.52
N HIS A 389 7.08 -0.03 -18.85
CA HIS A 389 8.01 -1.12 -18.52
C HIS A 389 8.96 -0.53 -17.47
N LEU A 390 8.97 -1.09 -16.26
CA LEU A 390 9.70 -0.51 -15.10
C LEU A 390 10.98 -1.32 -14.84
N ARG A 391 12.12 -0.65 -14.80
CA ARG A 391 13.38 -1.17 -14.22
C ARG A 391 13.46 -0.66 -12.77
N ALA A 392 13.50 -1.57 -11.78
CA ALA A 392 13.34 -1.21 -10.36
C ALA A 392 14.28 -2.08 -9.56
N PRO A 393 14.96 -1.51 -8.54
CA PRO A 393 15.73 -2.35 -7.62
C PRO A 393 14.84 -3.08 -6.60
N SER A 394 13.53 -2.83 -6.64
CA SER A 394 12.55 -3.35 -5.67
C SER A 394 11.65 -4.38 -6.33
N MET A 395 12.12 -4.97 -7.40
CA MET A 395 11.32 -5.91 -8.22
C MET A 395 10.95 -7.16 -7.39
N PHE A 396 9.71 -7.60 -7.56
CA PHE A 396 9.23 -8.87 -7.00
C PHE A 396 10.08 -10.01 -7.59
N SER A 397 10.15 -11.09 -6.82
CA SER A 397 10.88 -12.33 -7.23
C SER A 397 10.03 -13.07 -8.25
N GLY A 398 8.69 -13.01 -8.12
CA GLY A 398 7.82 -13.84 -8.97
C GLY A 398 6.45 -13.97 -8.35
N TYR A 399 5.52 -14.60 -9.07
CA TYR A 399 4.17 -14.94 -8.52
C TYR A 399 4.23 -16.31 -7.90
N TRP A 400 3.74 -16.42 -6.65
CA TRP A 400 3.83 -17.68 -5.90
C TRP A 400 3.23 -18.84 -6.70
N ASP A 401 4.00 -19.90 -6.92
CA ASP A 401 3.60 -21.14 -7.59
C ASP A 401 2.95 -20.82 -8.93
N ASP A 402 3.43 -19.81 -9.67
CA ASP A 402 2.89 -19.47 -11.01
C ASP A 402 3.99 -18.98 -11.93
N PRO A 403 4.90 -19.85 -12.42
CA PRO A 403 5.97 -19.42 -13.32
C PRO A 403 5.44 -18.90 -14.66
N GLU A 404 4.28 -19.39 -15.11
CA GLU A 404 3.69 -18.93 -16.39
C GLU A 404 3.34 -17.43 -16.25
N ALA A 405 2.67 -17.06 -15.16
CA ALA A 405 2.20 -15.67 -14.94
C ALA A 405 3.46 -14.82 -14.76
N THR A 406 4.43 -15.30 -14.00
CA THR A 406 5.72 -14.60 -13.81
C THR A 406 6.29 -14.26 -15.19
N ALA A 407 6.34 -15.21 -16.13
CA ALA A 407 7.06 -15.01 -17.41
C ALA A 407 6.28 -14.03 -18.30
N ARG A 408 4.99 -13.86 -18.09
CA ARG A 408 4.15 -12.88 -18.82
C ARG A 408 4.37 -11.45 -18.29
N VAL A 409 4.89 -11.26 -17.08
CA VAL A 409 4.94 -9.93 -16.40
C VAL A 409 6.39 -9.47 -16.21
N LEU A 410 7.25 -10.37 -15.78
CA LEU A 410 8.67 -10.09 -15.56
C LEU A 410 9.41 -10.56 -16.81
N VAL A 411 9.57 -9.67 -17.77
CA VAL A 411 9.91 -10.05 -19.18
C VAL A 411 11.29 -9.50 -19.49
N SER A 412 11.87 -10.08 -20.51
CA SER A 412 13.19 -9.70 -21.02
C SER A 412 13.10 -8.23 -21.42
N ASP A 413 14.06 -7.39 -21.02
CA ASP A 413 14.09 -5.94 -21.33
C ASP A 413 13.96 -5.76 -22.83
N PRO A 414 12.82 -5.23 -23.33
CA PRO A 414 12.63 -5.13 -24.78
C PRO A 414 13.64 -4.20 -25.47
N LEU A 415 14.31 -3.27 -24.77
CA LEU A 415 15.38 -2.44 -25.36
C LEU A 415 16.77 -3.14 -25.30
N ASP A 416 16.85 -4.34 -24.76
CA ASP A 416 18.16 -5.04 -24.51
C ASP A 416 17.86 -6.50 -24.22
N PRO A 417 17.12 -7.19 -25.09
CA PRO A 417 16.59 -8.51 -24.76
C PRO A 417 17.64 -9.63 -24.69
N ARG A 418 18.85 -9.44 -25.16
CA ARG A 418 19.91 -10.50 -25.17
C ARG A 418 20.66 -10.56 -23.81
N SER A 419 20.47 -9.60 -22.90
CA SER A 419 21.25 -9.47 -21.63
C SER A 419 20.71 -10.41 -20.55
N GLY A 420 19.43 -10.75 -20.63
CA GLY A 420 18.72 -11.52 -19.58
C GLY A 420 18.22 -10.58 -18.50
N ARG A 421 18.47 -9.27 -18.61
CA ARG A 421 17.86 -8.29 -17.67
C ARG A 421 16.34 -8.32 -17.88
N THR A 422 15.55 -8.23 -16.80
CA THR A 422 14.07 -8.20 -16.90
C THR A 422 13.56 -6.82 -16.51
N VAL A 423 12.34 -6.54 -16.93
CA VAL A 423 11.54 -5.35 -16.57
C VAL A 423 10.17 -5.83 -16.14
N LEU A 424 9.47 -5.00 -15.36
CA LEU A 424 8.05 -5.18 -15.07
C LEU A 424 7.20 -4.60 -16.23
N ARG A 425 6.53 -5.48 -16.96
CA ARG A 425 5.43 -5.15 -17.90
C ARG A 425 4.21 -4.81 -17.04
N SER A 426 3.98 -3.54 -16.76
CA SER A 426 3.19 -3.08 -15.58
C SER A 426 1.68 -3.28 -15.73
N GLY A 427 1.17 -3.37 -16.97
CA GLY A 427 -0.30 -3.38 -17.21
C GLY A 427 -0.90 -1.97 -17.17
N ASP A 428 -0.06 -0.95 -16.97
CA ASP A 428 -0.45 0.48 -16.88
C ASP A 428 -0.03 1.23 -18.14
N LEU A 429 -0.93 2.02 -18.67
CA LEU A 429 -0.63 3.01 -19.74
C LEU A 429 -0.23 4.32 -19.08
N ALA A 430 0.64 5.04 -19.80
CA ALA A 430 1.07 6.40 -19.45
C ALA A 430 1.55 7.13 -20.70
N TYR A 431 1.57 8.46 -20.63
CA TYR A 431 2.25 9.31 -21.61
C TYR A 431 3.16 10.25 -20.84
N ARG A 432 4.10 10.87 -21.55
CA ARG A 432 4.96 11.96 -21.01
C ARG A 432 4.45 13.30 -21.50
N GLY A 433 4.68 14.31 -20.68
CA GLY A 433 4.53 15.71 -21.06
C GLY A 433 5.83 16.32 -21.54
N GLU A 434 5.83 17.65 -21.71
CA GLU A 434 6.95 18.38 -22.37
C GLU A 434 8.20 18.25 -21.52
N ASP A 435 8.07 18.01 -20.22
CA ASP A 435 9.25 17.98 -19.31
C ASP A 435 9.63 16.53 -19.02
N GLY A 436 9.10 15.56 -19.76
CA GLY A 436 9.42 14.14 -19.51
C GLY A 436 8.67 13.55 -18.29
N GLU A 437 7.74 14.28 -17.68
CA GLU A 437 6.98 13.76 -16.50
C GLU A 437 5.89 12.81 -17.02
N LEU A 438 5.53 11.77 -16.24
CA LEU A 438 4.52 10.79 -16.64
C LEU A 438 3.10 11.20 -16.20
N TYR A 439 2.12 10.69 -16.93
CA TYR A 439 0.67 10.85 -16.65
C TYR A 439 0.10 9.44 -16.77
N PHE A 440 -0.55 8.96 -15.73
CA PHE A 440 -1.23 7.62 -15.72
C PHE A 440 -2.39 7.70 -16.70
N ALA A 441 -2.58 6.69 -17.55
CA ALA A 441 -3.65 6.68 -18.57
C ALA A 441 -4.47 5.39 -18.50
N GLY A 442 -4.50 4.72 -17.35
CA GLY A 442 -5.42 3.61 -17.06
C GLY A 442 -4.73 2.27 -17.31
N ARG A 443 -5.39 1.19 -16.89
CA ARG A 443 -4.90 -0.20 -17.05
C ARG A 443 -5.00 -0.47 -18.53
N VAL A 444 -4.01 -1.11 -19.19
CA VAL A 444 -4.12 -1.44 -20.64
C VAL A 444 -5.39 -2.28 -20.86
N ASP A 445 -5.75 -3.15 -19.90
CA ASP A 445 -6.87 -4.14 -20.00
C ASP A 445 -8.23 -3.55 -19.55
N ALA A 446 -8.33 -2.34 -18.99
CA ALA A 446 -9.61 -1.71 -18.56
C ALA A 446 -9.95 -0.44 -19.37
N ASN A 453 -14.38 5.94 -29.39
CA ASN A 453 -13.58 6.94 -28.62
C ASN A 453 -13.21 6.42 -27.21
N ARG A 454 -11.92 6.44 -26.88
CA ARG A 454 -11.35 6.32 -25.50
C ARG A 454 -12.22 7.18 -24.55
N VAL A 455 -12.93 6.57 -23.61
CA VAL A 455 -13.66 7.32 -22.54
C VAL A 455 -12.70 7.53 -21.37
N GLU A 456 -12.62 8.75 -20.84
CA GLU A 456 -11.93 9.07 -19.55
C GLU A 456 -13.02 9.30 -18.50
N PRO A 457 -13.31 8.26 -17.67
CA PRO A 457 -14.41 8.34 -16.71
C PRO A 457 -14.16 9.49 -15.71
N GLY A 458 -12.88 9.84 -15.49
CA GLY A 458 -12.40 10.99 -14.71
C GLY A 458 -13.01 12.29 -15.20
N GLU A 459 -13.17 12.48 -16.51
CA GLU A 459 -13.79 13.73 -17.01
C GLU A 459 -15.29 13.71 -16.79
N VAL A 460 -15.92 12.55 -16.96
CA VAL A 460 -17.38 12.39 -16.65
C VAL A 460 -17.61 12.71 -15.17
N GLU A 461 -16.86 12.07 -14.26
CA GLU A 461 -16.96 12.29 -12.78
C GLU A 461 -16.66 13.77 -12.45
N ARG A 462 -15.64 14.39 -13.04
CA ARG A 462 -15.32 15.83 -12.82
C ARG A 462 -16.56 16.69 -13.05
N ARG A 463 -17.13 16.68 -14.27
CA ARG A 463 -18.30 17.54 -14.59
C ARG A 463 -19.45 17.29 -13.61
N LEU A 464 -19.69 16.05 -13.21
CA LEU A 464 -20.79 15.72 -12.26
C LEU A 464 -20.47 16.32 -10.87
N LEU A 465 -19.21 16.20 -10.44
CA LEU A 465 -18.76 16.72 -9.11
C LEU A 465 -18.88 18.24 -9.08
N GLU A 466 -18.92 18.91 -10.25
CA GLU A 466 -19.16 20.37 -10.48
C GLU A 466 -20.66 20.71 -10.60
N PHE A 467 -21.60 19.76 -10.44
CA PHE A 467 -23.08 20.00 -10.51
C PHE A 467 -23.57 20.29 -9.08
N PRO A 468 -24.35 21.38 -8.81
CA PRO A 468 -24.88 21.62 -7.45
C PRO A 468 -25.54 20.37 -6.82
N GLY A 469 -25.10 20.00 -5.61
CA GLY A 469 -25.67 18.91 -4.79
C GLY A 469 -24.95 17.56 -4.90
N ILE A 470 -24.02 17.40 -5.84
CA ILE A 470 -23.30 16.10 -6.00
C ILE A 470 -21.97 16.17 -5.21
N SER A 471 -21.80 15.34 -4.19
CA SER A 471 -20.57 15.31 -3.36
C SER A 471 -19.56 14.29 -3.92
N ALA A 472 -20.04 13.15 -4.46
CA ALA A 472 -19.18 12.12 -5.09
C ALA A 472 -19.82 11.66 -6.41
N ALA A 473 -19.02 11.11 -7.32
CA ALA A 473 -19.48 10.56 -8.63
C ALA A 473 -18.49 9.53 -9.16
N VAL A 474 -18.97 8.34 -9.53
CA VAL A 474 -18.18 7.25 -10.20
C VAL A 474 -18.90 6.85 -11.49
N ALA A 475 -18.17 6.84 -12.61
CA ALA A 475 -18.64 6.38 -13.95
C ALA A 475 -18.07 4.99 -14.22
N LEU A 476 -18.78 4.06 -14.90
CA LEU A 476 -18.19 2.73 -15.31
C LEU A 476 -18.81 2.14 -16.58
N ASN A 487 -22.46 3.47 -20.59
CA ASN A 487 -22.01 4.54 -19.65
C ASN A 487 -23.04 4.78 -18.54
N HIS A 488 -22.70 4.32 -17.32
CA HIS A 488 -23.44 4.55 -16.05
C HIS A 488 -22.59 5.43 -15.10
N ALA A 489 -23.22 6.43 -14.47
CA ALA A 489 -22.64 7.28 -13.40
C ALA A 489 -23.43 7.05 -12.10
N PHE A 490 -22.71 6.86 -10.98
CA PHE A 490 -23.29 6.71 -9.63
C PHE A 490 -22.86 7.92 -8.80
N VAL A 491 -23.81 8.61 -8.15
CA VAL A 491 -23.56 9.91 -7.45
C VAL A 491 -24.04 9.84 -6.00
N VAL A 492 -23.33 10.53 -5.11
CA VAL A 492 -23.79 10.78 -3.71
C VAL A 492 -24.35 12.23 -3.69
N VAL A 493 -25.61 12.41 -3.35
CA VAL A 493 -26.34 13.71 -3.47
C VAL A 493 -26.25 14.48 -2.15
N LYS A 504 -31.40 16.64 -16.04
CA LYS A 504 -30.89 17.92 -15.43
C LYS A 504 -29.37 17.80 -15.16
N ALA A 505 -28.90 16.74 -14.50
CA ALA A 505 -27.47 16.38 -14.41
C ALA A 505 -26.94 16.04 -15.82
N ARG A 506 -27.79 15.32 -16.57
CA ARG A 506 -27.57 14.81 -17.95
C ARG A 506 -27.28 15.97 -18.92
N ALA A 507 -28.09 17.04 -18.90
CA ALA A 507 -27.96 18.29 -19.71
C ALA A 507 -26.75 19.12 -19.24
N PHE A 508 -26.53 19.25 -17.91
CA PHE A 508 -25.34 19.89 -17.31
C PHE A 508 -24.07 19.23 -17.88
N CYS A 509 -24.01 17.89 -17.92
CA CYS A 509 -22.92 17.10 -18.53
C CYS A 509 -22.78 17.42 -20.04
N ALA A 510 -23.88 17.32 -20.79
CA ALA A 510 -23.96 17.57 -22.26
C ALA A 510 -23.57 19.03 -22.58
N ASP A 511 -23.65 19.97 -21.63
CA ASP A 511 -23.30 21.40 -21.87
C ASP A 511 -21.80 21.56 -22.14
N THR A 512 -20.94 20.58 -21.79
CA THR A 512 -19.46 20.65 -22.01
C THR A 512 -18.83 19.31 -22.47
N LEU A 513 -19.50 18.16 -22.30
CA LEU A 513 -18.86 16.84 -22.53
C LEU A 513 -19.23 16.35 -23.93
N PRO A 514 -18.33 15.60 -24.63
CA PRO A 514 -18.72 15.03 -25.93
C PRO A 514 -19.84 13.99 -25.71
N GLY A 515 -20.68 13.76 -26.73
CA GLY A 515 -21.82 12.80 -26.74
C GLY A 515 -21.46 11.44 -26.14
N TYR A 516 -20.30 10.87 -26.45
CA TYR A 516 -19.89 9.52 -26.00
C TYR A 516 -19.55 9.51 -24.49
N MET A 517 -19.37 10.69 -23.86
CA MET A 517 -19.00 10.87 -22.41
C MET A 517 -20.23 11.19 -21.55
N ILE A 518 -21.40 11.40 -22.15
CA ILE A 518 -22.65 11.78 -21.42
C ILE A 518 -23.16 10.47 -20.83
N PRO A 519 -23.34 10.32 -19.49
CA PRO A 519 -23.93 9.11 -18.92
C PRO A 519 -25.31 8.80 -19.57
N ALA A 520 -25.54 7.52 -19.92
CA ALA A 520 -26.85 6.93 -20.33
C ALA A 520 -27.75 6.80 -19.09
N ASN A 521 -27.15 6.61 -17.92
CA ASN A 521 -27.83 6.42 -16.60
C ASN A 521 -27.06 7.15 -15.51
N ILE A 522 -27.79 7.90 -14.66
CA ILE A 522 -27.28 8.59 -13.44
C ILE A 522 -28.09 8.11 -12.22
N VAL A 523 -27.45 7.31 -11.35
CA VAL A 523 -28.01 6.53 -10.20
C VAL A 523 -27.52 7.15 -8.89
N ALA A 524 -28.43 7.70 -8.08
CA ALA A 524 -28.15 8.24 -6.72
C ALA A 524 -27.85 7.06 -5.76
N VAL A 525 -26.70 7.09 -5.07
CA VAL A 525 -26.31 6.12 -3.99
C VAL A 525 -25.90 6.90 -2.72
N ASP A 526 -26.05 6.23 -1.56
CA ASP A 526 -25.69 6.77 -0.21
C ASP A 526 -24.18 6.87 -0.07
N ASP A 527 -23.44 5.95 -0.69
CA ASP A 527 -21.96 6.00 -0.59
C ASP A 527 -21.35 5.30 -1.81
N ILE A 528 -20.10 5.67 -2.09
CA ILE A 528 -19.23 4.91 -3.02
C ILE A 528 -18.68 3.69 -2.27
N PRO A 529 -18.98 2.44 -2.74
CA PRO A 529 -18.53 1.21 -2.08
C PRO A 529 -17.02 1.04 -2.31
N LEU A 530 -16.34 0.45 -1.33
CA LEU A 530 -14.85 0.30 -1.33
C LEU A 530 -14.50 -1.17 -1.21
N THR A 531 -13.39 -1.59 -1.80
CA THR A 531 -12.70 -2.87 -1.52
C THR A 531 -12.15 -2.84 -0.08
N VAL A 532 -11.71 -3.97 0.46
CA VAL A 532 -11.04 -4.01 1.80
C VAL A 532 -9.90 -2.97 1.80
N ASN A 533 -9.18 -2.81 0.69
CA ASN A 533 -7.97 -1.97 0.62
C ASN A 533 -8.39 -0.51 0.40
N GLY A 534 -9.67 -0.23 0.23
CA GLY A 534 -10.18 1.14 0.20
C GLY A 534 -10.27 1.71 -1.21
N LYS A 535 -10.07 0.90 -2.25
CA LYS A 535 -10.27 1.38 -3.65
C LYS A 535 -11.75 1.34 -4.06
N VAL A 536 -12.13 2.11 -5.07
CA VAL A 536 -13.54 2.12 -5.57
C VAL A 536 -13.87 0.69 -5.97
N ASP A 537 -15.02 0.18 -5.53
CA ASP A 537 -15.49 -1.20 -5.80
C ASP A 537 -16.45 -1.13 -7.00
N ARG A 538 -15.87 -1.17 -8.21
CA ARG A 538 -16.57 -1.00 -9.51
C ARG A 538 -17.36 -2.28 -9.84
N ALA A 539 -16.79 -3.46 -9.55
CA ALA A 539 -17.52 -4.75 -9.52
C ALA A 539 -18.83 -4.53 -8.72
N ASP A 540 -18.77 -4.00 -7.49
CA ASP A 540 -19.97 -3.83 -6.62
C ASP A 540 -21.01 -2.89 -7.28
N LEU A 541 -20.57 -1.78 -7.88
CA LEU A 541 -21.47 -0.76 -8.49
C LEU A 541 -22.12 -1.38 -9.75
N ALA A 542 -21.37 -2.22 -10.48
CA ALA A 542 -21.83 -3.04 -11.63
C ALA A 542 -23.08 -3.85 -11.24
N THR A 543 -23.05 -4.56 -10.10
CA THR A 543 -24.14 -5.50 -9.70
C THR A 543 -25.48 -4.76 -9.64
N ARG A 544 -25.47 -3.49 -9.23
CA ARG A 544 -26.71 -2.74 -8.94
C ARG A 544 -26.91 -1.67 -10.04
#